data_4IQB
#
_entry.id   4IQB
#
_cell.length_a   99.335
_cell.length_b   98.367
_cell.length_c   69.159
_cell.angle_alpha   90.000
_cell.angle_beta   111.770
_cell.angle_gamma   90.000
#
_symmetry.space_group_name_H-M   'C 1 2 1'
#
loop_
_entity.id
_entity.type
_entity.pdbx_description
1 polymer 'Thymidylate synthase'
2 non-polymer 'SULFATE ION'
3 water water
#
_entity_poly.entity_id   1
_entity_poly.type   'polypeptide(L)'
_entity_poly.pdbx_seq_one_letter_code
;MEVMNKENIIADAPSDVVKTVQQQVHLNQDEYKYLKQVEQILREGTRRDDRTGTGTISIFGMQSKYCLRNGTIPLLTTKR
VYWKGVLEELLWFISGSTDGKLLMEKNVKIWEKNGDRAFLDNLGFTSREEGDLGPVYGFQWRHFGAKYVDCHTDYSGQGV
DQLAEVIRQIKEQPDSRRIIMSAWNPSDLGQMVLPPCHTMCQFYVDNGELSCQLYQRSGDMGLGVPFNLASYGLLTHMIA
KVCGLKPGTLVHTLGDAHVYSNHVDALKIQLDREPYAFPKIRFTRDVASIDDFTSDMIALDDYKCHPKIPMDMAV
;
_entity_poly.pdbx_strand_id   A,B
#
loop_
_chem_comp.id
_chem_comp.type
_chem_comp.name
_chem_comp.formula
SO4 non-polymer 'SULFATE ION' 'O4 S -2'
#
# COMPACT_ATOMS: atom_id res chain seq x y z
N GLN A 24 4.70 14.11 -28.66
CA GLN A 24 3.89 13.26 -27.76
C GLN A 24 4.79 12.66 -26.73
N VAL A 25 5.72 11.80 -27.01
CA VAL A 25 6.73 11.43 -26.16
C VAL A 25 7.76 12.56 -25.93
N HIS A 26 8.33 12.67 -24.73
CA HIS A 26 9.35 13.62 -24.20
C HIS A 26 10.62 12.81 -23.94
N LEU A 27 11.75 13.53 -23.85
CA LEU A 27 13.04 12.91 -23.55
C LEU A 27 12.92 12.09 -22.25
N ASN A 28 12.30 12.72 -21.23
CA ASN A 28 12.07 12.07 -19.95
C ASN A 28 10.57 12.02 -19.74
N GLN A 29 9.98 11.00 -20.35
CA GLN A 29 8.54 10.78 -20.31
C GLN A 29 8.03 10.48 -18.87
N ASP A 30 8.89 9.81 -18.10
CA ASP A 30 8.52 9.48 -16.75
C ASP A 30 8.30 10.72 -15.88
N GLU A 31 9.22 11.69 -15.95
CA GLU A 31 9.01 12.94 -15.25
C GLU A 31 7.82 13.71 -15.84
N TYR A 32 7.70 13.71 -17.18
CA TYR A 32 6.54 14.36 -17.80
C TYR A 32 5.22 13.84 -17.21
N LYS A 33 5.12 12.53 -17.02
CA LYS A 33 3.90 11.93 -16.45
C LYS A 33 3.69 12.41 -15.04
N TYR A 34 4.74 12.60 -14.26
CA TYR A 34 4.60 13.25 -12.91
C TYR A 34 4.03 14.66 -13.04
N LEU A 35 4.53 15.45 -13.98
CA LEU A 35 3.99 16.77 -14.21
C LEU A 35 2.48 16.70 -14.53
N LYS A 36 2.09 15.73 -15.33
CA LYS A 36 0.69 15.56 -15.65
C LYS A 36 -0.16 15.22 -14.41
N GLN A 37 0.41 14.48 -13.45
CA GLN A 37 -0.27 14.22 -12.19
C GLN A 37 -0.54 15.52 -11.46
N VAL A 38 0.50 16.40 -11.38
CA VAL A 38 0.35 17.67 -10.70
C VAL A 38 -0.74 18.50 -11.37
N GLU A 39 -0.70 18.54 -12.70
N GLU A 39 -0.69 18.53 -12.70
CA GLU A 39 -1.70 19.27 -13.49
CA GLU A 39 -1.69 19.25 -13.47
C GLU A 39 -3.11 18.74 -13.21
C GLU A 39 -3.11 18.74 -13.20
N GLN A 40 -3.23 17.42 -13.08
CA GLN A 40 -4.52 16.80 -12.78
C GLN A 40 -5.02 17.21 -11.42
N ILE A 41 -4.11 17.25 -10.43
CA ILE A 41 -4.56 17.71 -9.09
CA ILE A 41 -4.52 17.71 -9.11
C ILE A 41 -5.06 19.15 -9.20
N LEU A 42 -4.34 20.03 -9.83
CA LEU A 42 -4.74 21.41 -9.97
C LEU A 42 -6.11 21.54 -10.65
N ARG A 43 -6.35 20.73 -11.66
CA ARG A 43 -7.57 20.85 -12.46
C ARG A 43 -8.79 20.19 -11.82
N GLU A 44 -8.59 19.04 -11.16
CA GLU A 44 -9.64 18.14 -10.71
C GLU A 44 -9.69 17.95 -9.23
N GLY A 45 -8.68 18.34 -8.50
CA GLY A 45 -8.59 18.03 -7.09
C GLY A 45 -9.59 18.78 -6.23
N THR A 46 -9.70 18.33 -4.99
CA THR A 46 -10.60 19.01 -4.10
CA THR A 46 -10.60 18.76 -3.91
C THR A 46 -9.82 19.75 -3.04
N ARG A 47 -10.42 20.88 -2.70
CA ARG A 47 -9.80 21.83 -1.80
C ARG A 47 -10.14 21.57 -0.36
N ARG A 48 -9.15 21.73 0.51
CA ARG A 48 -9.36 21.89 1.94
C ARG A 48 -8.76 23.29 2.25
N ASP A 49 -9.57 24.32 2.39
CA ASP A 49 -9.07 25.69 2.53
C ASP A 49 -8.80 25.89 4.00
N ASP A 50 -7.88 26.76 4.37
CA ASP A 50 -7.79 27.12 5.77
C ASP A 50 -7.29 28.57 5.85
N ARG A 51 -6.68 28.98 6.98
CA ARG A 51 -5.81 30.18 6.83
CA ARG A 51 -6.20 30.33 7.30
C ARG A 51 -4.73 30.47 7.83
N THR A 52 -4.05 29.37 8.13
CA THR A 52 -2.60 29.39 8.41
C THR A 52 -1.82 29.46 7.06
N GLY A 53 -2.52 29.87 5.98
CA GLY A 53 -2.02 29.88 4.61
C GLY A 53 -1.66 28.47 4.14
N THR A 54 -2.31 27.47 4.73
CA THR A 54 -1.92 26.06 4.46
C THR A 54 -2.97 25.22 3.67
N GLY A 55 -3.90 25.88 2.96
CA GLY A 55 -4.86 25.06 2.24
C GLY A 55 -4.24 24.20 1.16
N THR A 56 -4.93 23.10 0.85
CA THR A 56 -4.42 22.13 -0.08
C THR A 56 -5.48 21.87 -1.14
N ILE A 57 -4.98 21.26 -2.22
CA ILE A 57 -5.78 20.70 -3.28
C ILE A 57 -5.31 19.29 -3.45
N SER A 58 -6.23 18.32 -3.49
CA SER A 58 -5.80 16.92 -3.49
CA SER A 58 -5.88 16.88 -3.34
CA SER A 58 -5.88 16.92 -3.36
C SER A 58 -6.61 15.99 -4.34
N ILE A 59 -5.97 14.88 -4.68
CA ILE A 59 -6.63 13.71 -5.26
C ILE A 59 -6.23 12.53 -4.38
N PHE A 60 -7.22 11.71 -4.04
CA PHE A 60 -6.99 10.47 -3.30
C PHE A 60 -6.82 9.32 -4.27
N GLY A 61 -5.63 8.74 -4.30
CA GLY A 61 -5.31 7.62 -5.17
C GLY A 61 -4.65 8.08 -6.46
N MET A 62 -3.35 7.94 -6.54
CA MET A 62 -2.57 8.21 -7.77
CA MET A 62 -2.57 8.21 -7.77
C MET A 62 -1.53 7.13 -7.86
N GLN A 63 -0.96 6.94 -9.08
CA GLN A 63 0.11 5.98 -9.32
C GLN A 63 0.91 6.36 -10.54
N SER A 64 2.23 6.25 -10.42
CA SER A 64 3.14 6.53 -11.53
C SER A 64 4.30 5.55 -11.52
N LYS A 65 4.98 5.42 -12.66
CA LYS A 65 6.08 4.48 -12.81
C LYS A 65 7.28 5.16 -13.39
N TYR A 66 8.46 4.60 -13.05
CA TYR A 66 9.74 5.14 -13.38
C TYR A 66 10.70 4.06 -13.75
N CYS A 67 11.22 4.06 -14.98
CA CYS A 67 12.21 3.10 -15.39
C CYS A 67 13.54 3.35 -14.69
N LEU A 68 14.16 2.28 -14.18
CA LEU A 68 15.44 2.34 -13.46
C LEU A 68 16.57 1.74 -14.28
N ARG A 69 16.32 1.39 -15.50
CA ARG A 69 17.29 0.76 -16.44
CA ARG A 69 17.33 0.64 -16.21
C ARG A 69 18.54 1.53 -16.52
N ASN A 70 19.66 0.83 -16.62
CA ASN A 70 20.93 1.40 -16.91
C ASN A 70 21.35 2.44 -15.90
N GLY A 71 20.97 2.25 -14.63
CA GLY A 71 21.36 3.13 -13.59
C GLY A 71 20.49 4.32 -13.33
N THR A 72 19.46 4.54 -14.12
CA THR A 72 18.63 5.71 -13.98
C THR A 72 17.99 5.77 -12.64
N ILE A 73 18.06 6.93 -12.00
CA ILE A 73 17.42 7.18 -10.70
C ILE A 73 16.51 8.36 -10.84
N PRO A 74 15.25 8.25 -10.41
CA PRO A 74 14.26 9.33 -10.69
C PRO A 74 14.34 10.46 -9.64
N LEU A 75 15.38 11.26 -9.76
CA LEU A 75 15.55 12.52 -9.07
C LEU A 75 14.99 13.64 -9.97
N LEU A 76 13.92 14.28 -9.58
CA LEU A 76 13.26 15.19 -10.47
C LEU A 76 14.18 16.31 -10.91
N THR A 77 14.00 16.72 -12.20
CA THR A 77 14.84 17.72 -12.85
C THR A 77 14.17 19.08 -12.97
N THR A 78 12.83 19.14 -12.91
CA THR A 78 12.14 20.40 -13.03
C THR A 78 12.08 21.14 -11.74
N LYS A 79 12.36 20.48 -10.62
CA LYS A 79 12.56 21.11 -9.29
C LYS A 79 13.55 20.24 -8.56
N ARG A 80 14.72 20.75 -8.25
CA ARG A 80 15.81 19.96 -7.68
C ARG A 80 15.36 19.32 -6.33
N VAL A 81 15.80 18.10 -6.14
CA VAL A 81 15.57 17.33 -4.93
C VAL A 81 16.86 17.33 -4.13
N TYR A 82 16.71 17.33 -2.80
CA TYR A 82 17.85 17.38 -1.86
C TYR A 82 18.53 16.03 -1.77
N TRP A 83 19.42 15.72 -2.72
CA TRP A 83 20.03 14.42 -2.84
C TRP A 83 20.81 14.02 -1.61
N LYS A 84 21.59 14.93 -1.01
CA LYS A 84 22.33 14.55 0.16
C LYS A 84 21.40 14.06 1.25
N GLY A 85 20.28 14.76 1.42
CA GLY A 85 19.30 14.30 2.37
C GLY A 85 18.73 12.97 2.10
N VAL A 86 18.37 12.71 0.82
CA VAL A 86 17.86 11.41 0.41
C VAL A 86 18.86 10.32 0.79
N LEU A 87 20.12 10.48 0.36
CA LEU A 87 21.16 9.51 0.49
CA LEU A 87 21.15 9.51 0.50
C LEU A 87 21.43 9.23 1.97
N GLU A 88 21.70 10.30 2.73
CA GLU A 88 22.04 10.11 4.14
C GLU A 88 20.89 9.55 4.93
N GLU A 89 19.67 10.02 4.67
CA GLU A 89 18.51 9.45 5.36
C GLU A 89 18.39 7.98 5.07
N LEU A 90 18.58 7.53 3.82
CA LEU A 90 18.38 6.13 3.51
C LEU A 90 19.45 5.26 4.17
N LEU A 91 20.70 5.71 4.18
CA LEU A 91 21.75 4.91 4.85
C LEU A 91 21.41 4.81 6.38
N TRP A 92 20.88 5.86 6.90
CA TRP A 92 20.44 5.93 8.33
C TRP A 92 19.26 5.02 8.58
N PHE A 93 18.25 5.01 7.73
CA PHE A 93 17.18 4.01 7.80
C PHE A 93 17.71 2.60 7.83
N ILE A 94 18.55 2.28 6.86
CA ILE A 94 19.08 0.95 6.73
C ILE A 94 19.82 0.52 7.97
N SER A 95 20.56 1.44 8.60
CA SER A 95 21.29 1.15 9.81
C SER A 95 20.42 0.88 11.05
N GLY A 96 19.10 1.11 10.93
CA GLY A 96 18.17 0.92 12.00
C GLY A 96 18.18 2.07 12.96
N SER A 97 18.81 3.16 12.66
CA SER A 97 18.92 4.27 13.59
CA SER A 97 18.92 4.27 13.61
C SER A 97 17.60 5.00 13.73
N THR A 98 17.38 5.55 14.90
CA THR A 98 16.25 6.42 15.21
C THR A 98 16.71 7.71 15.88
N ASP A 99 18.01 7.98 15.82
CA ASP A 99 18.63 9.16 16.45
C ASP A 99 18.84 10.25 15.38
N GLY A 100 17.97 11.24 15.38
CA GLY A 100 18.09 12.33 14.45
C GLY A 100 19.40 13.06 14.53
N LYS A 101 20.07 13.03 15.70
CA LYS A 101 21.33 13.74 15.83
C LYS A 101 22.40 13.18 14.89
N LEU A 102 22.29 11.91 14.51
CA LEU A 102 23.28 11.35 13.59
C LEU A 102 23.17 12.05 12.21
N LEU A 103 21.95 12.37 11.78
CA LEU A 103 21.75 13.15 10.56
C LEU A 103 22.23 14.57 10.69
N MET A 104 21.94 15.21 11.81
CA MET A 104 22.38 16.56 12.03
CA MET A 104 22.42 16.55 12.04
C MET A 104 23.90 16.66 11.98
N GLU A 105 24.62 15.63 12.43
CA GLU A 105 26.03 15.65 12.40
C GLU A 105 26.58 15.61 10.94
N LYS A 106 25.78 15.15 10.02
CA LYS A 106 26.08 15.17 8.59
C LYS A 106 25.54 16.37 7.90
N ASN A 107 25.07 17.35 8.63
CA ASN A 107 24.50 18.53 8.11
CA ASN A 107 24.44 18.57 8.13
C ASN A 107 23.20 18.29 7.33
N VAL A 108 22.43 17.28 7.76
CA VAL A 108 21.16 16.93 7.18
C VAL A 108 20.11 17.22 8.29
N LYS A 109 19.27 18.23 8.08
CA LYS A 109 18.40 18.77 9.10
CA LYS A 109 18.41 18.77 9.11
C LYS A 109 16.95 18.40 8.97
N ILE A 110 16.62 17.47 8.05
CA ILE A 110 15.24 17.22 7.72
C ILE A 110 14.38 16.66 8.90
N TRP A 111 15.01 16.02 9.85
CA TRP A 111 14.33 15.47 11.03
C TRP A 111 14.48 16.35 12.26
N GLU A 112 15.16 17.48 12.16
CA GLU A 112 15.48 18.28 13.36
C GLU A 112 14.24 18.76 14.07
N LYS A 113 13.28 19.35 13.39
CA LYS A 113 12.12 19.88 14.08
C LYS A 113 11.33 18.78 14.70
N ASN A 114 11.22 17.59 14.13
CA ASN A 114 10.41 16.50 14.71
C ASN A 114 11.08 15.83 15.87
N GLY A 115 12.34 16.10 16.14
CA GLY A 115 13.01 15.59 17.27
C GLY A 115 13.37 16.58 18.35
N ASP A 116 12.97 17.85 18.16
CA ASP A 116 13.42 18.81 19.12
CA ASP A 116 13.39 18.92 19.07
C ASP A 116 12.62 18.77 20.41
N ARG A 117 13.19 19.39 21.44
CA ARG A 117 12.64 19.37 22.78
C ARG A 117 11.17 19.70 22.81
N ALA A 118 10.79 20.80 22.17
CA ALA A 118 9.39 21.25 22.21
C ALA A 118 8.44 20.25 21.52
N PHE A 119 8.89 19.68 20.39
CA PHE A 119 8.06 18.74 19.67
C PHE A 119 7.83 17.48 20.47
N LEU A 120 8.92 16.96 21.03
CA LEU A 120 8.84 15.78 21.89
C LEU A 120 7.92 16.03 23.09
N ASP A 121 8.14 17.16 23.76
CA ASP A 121 7.37 17.44 24.99
C ASP A 121 5.88 17.59 24.70
N ASN A 122 5.58 18.18 23.56
CA ASN A 122 4.18 18.34 23.22
C ASN A 122 3.47 17.00 22.95
N LEU A 123 4.19 15.97 22.62
CA LEU A 123 3.66 14.59 22.51
C LEU A 123 3.66 13.82 23.79
N GLY A 124 4.16 14.40 24.92
CA GLY A 124 4.29 13.73 26.14
C GLY A 124 5.54 12.96 26.33
N PHE A 125 6.52 13.08 25.39
CA PHE A 125 7.77 12.38 25.44
C PHE A 125 8.79 13.20 26.22
N THR A 126 8.41 13.56 27.44
CA THR A 126 9.15 14.56 28.24
C THR A 126 10.48 14.10 28.73
N SER A 127 10.73 12.79 28.81
N SER A 127 10.76 12.78 28.86
CA SER A 127 11.95 12.27 29.26
CA SER A 127 12.05 12.25 29.28
C SER A 127 12.83 11.81 28.12
C SER A 127 12.88 11.74 28.09
N ARG A 128 12.39 11.96 26.86
CA ARG A 128 13.27 11.52 25.81
CA ARG A 128 12.99 11.58 25.62
C ARG A 128 14.24 12.51 25.36
N GLU A 129 15.42 11.97 25.08
CA GLU A 129 16.51 12.77 24.59
C GLU A 129 16.10 13.45 23.29
N GLU A 130 16.48 14.72 23.15
CA GLU A 130 16.37 15.43 21.91
C GLU A 130 16.97 14.58 20.79
N GLY A 131 16.22 14.50 19.68
CA GLY A 131 16.62 13.68 18.53
C GLY A 131 16.18 12.25 18.61
N ASP A 132 15.66 11.77 19.71
CA ASP A 132 15.17 10.37 19.79
C ASP A 132 13.77 10.33 19.25
N LEU A 133 13.66 9.89 18.00
CA LEU A 133 12.43 9.95 17.24
C LEU A 133 11.42 8.86 17.63
N GLY A 134 11.85 7.92 18.46
CA GLY A 134 11.02 6.77 18.79
C GLY A 134 11.22 5.68 17.74
N PRO A 135 10.32 4.69 17.78
CA PRO A 135 10.49 3.46 16.94
C PRO A 135 10.00 3.71 15.50
N VAL A 136 10.62 4.66 14.83
CA VAL A 136 10.26 5.03 13.48
C VAL A 136 10.98 4.13 12.46
N TYR A 137 10.65 4.33 11.20
CA TYR A 137 11.21 3.75 9.99
C TYR A 137 12.28 2.70 10.23
N GLY A 138 13.52 3.07 10.38
CA GLY A 138 14.58 2.09 10.35
C GLY A 138 14.50 1.03 11.47
N PHE A 139 14.02 1.45 12.64
CA PHE A 139 13.79 0.50 13.68
C PHE A 139 12.78 -0.56 13.26
N GLN A 140 11.68 -0.14 12.64
CA GLN A 140 10.71 -1.10 12.15
C GLN A 140 11.24 -1.96 11.02
N TRP A 141 12.01 -1.36 10.10
CA TRP A 141 12.54 -2.13 9.01
C TRP A 141 13.45 -3.23 9.47
N ARG A 142 14.28 -2.99 10.46
CA ARG A 142 15.28 -3.96 10.91
C ARG A 142 14.88 -4.73 12.14
N HIS A 143 13.87 -4.28 12.90
CA HIS A 143 13.52 -4.83 14.22
C HIS A 143 12.03 -4.78 14.48
N PHE A 144 11.16 -5.03 13.52
CA PHE A 144 9.72 -4.92 13.72
C PHE A 144 9.31 -5.82 14.86
N GLY A 145 8.63 -5.25 15.85
CA GLY A 145 8.17 -6.02 16.98
C GLY A 145 9.11 -6.01 18.19
N ALA A 146 10.33 -5.55 18.07
CA ALA A 146 11.22 -5.42 19.20
C ALA A 146 10.67 -4.41 20.20
N LYS A 147 11.13 -4.50 21.42
CA LYS A 147 10.75 -3.59 22.49
C LYS A 147 11.60 -2.34 22.40
N TYR A 148 11.06 -1.22 21.91
CA TYR A 148 11.83 -0.03 21.83
C TYR A 148 12.21 0.45 23.24
N VAL A 149 13.42 0.95 23.37
CA VAL A 149 13.97 1.56 24.60
C VAL A 149 14.28 3.02 24.28
N ASP A 150 15.37 3.23 23.55
CA ASP A 150 15.82 4.52 23.10
C ASP A 150 16.65 4.39 21.85
N CYS A 151 17.16 5.51 21.39
CA CYS A 151 17.92 5.55 20.15
C CYS A 151 19.40 5.23 20.33
N HIS A 152 19.77 4.71 21.50
CA HIS A 152 21.13 4.31 21.85
C HIS A 152 21.16 2.86 22.29
N THR A 153 20.14 2.07 21.99
CA THR A 153 20.05 0.69 22.48
C THR A 153 20.35 -0.28 21.34
N ASP A 154 21.06 -1.36 21.67
CA ASP A 154 21.23 -2.44 20.75
C ASP A 154 19.97 -3.29 20.69
N TYR A 155 19.53 -3.60 19.46
CA TYR A 155 18.34 -4.42 19.24
C TYR A 155 18.71 -5.69 18.45
N SER A 156 19.94 -6.11 18.45
CA SER A 156 20.36 -7.26 17.63
C SER A 156 19.58 -8.49 18.01
N GLY A 157 19.13 -9.19 16.95
CA GLY A 157 18.32 -10.40 17.15
C GLY A 157 16.92 -10.16 17.58
N GLN A 158 16.53 -8.91 17.80
CA GLN A 158 15.19 -8.60 18.35
C GLN A 158 14.31 -8.09 17.24
N GLY A 159 13.08 -8.55 17.17
CA GLY A 159 12.18 -8.17 16.10
C GLY A 159 12.53 -8.82 14.81
N VAL A 160 11.74 -8.55 13.80
CA VAL A 160 11.89 -9.09 12.47
C VAL A 160 12.72 -8.12 11.64
N ASP A 161 13.83 -8.67 11.10
CA ASP A 161 14.67 -7.93 10.15
C ASP A 161 14.07 -8.08 8.78
N GLN A 162 13.12 -7.17 8.48
CA GLN A 162 12.36 -7.26 7.28
C GLN A 162 13.25 -7.04 6.04
N LEU A 163 14.22 -6.14 6.15
CA LEU A 163 15.10 -5.87 5.04
C LEU A 163 15.93 -7.09 4.69
N ALA A 164 16.46 -7.79 5.70
CA ALA A 164 17.19 -9.03 5.43
C ALA A 164 16.29 -10.08 4.81
N GLU A 165 15.03 -10.16 5.25
CA GLU A 165 14.09 -11.11 4.70
CA GLU A 165 14.13 -11.13 4.68
C GLU A 165 13.76 -10.78 3.26
N VAL A 166 13.54 -9.52 2.92
CA VAL A 166 13.24 -9.21 1.50
CA VAL A 166 13.30 -9.13 1.53
C VAL A 166 14.46 -9.58 0.64
N ILE A 167 15.70 -9.36 1.12
CA ILE A 167 16.86 -9.75 0.32
C ILE A 167 16.96 -11.24 0.16
N ARG A 168 16.68 -12.01 1.19
CA ARG A 168 16.65 -13.47 1.08
C ARG A 168 15.63 -13.90 0.08
N GLN A 169 14.42 -13.32 0.12
CA GLN A 169 13.40 -13.71 -0.82
C GLN A 169 13.78 -13.36 -2.22
N ILE A 170 14.33 -12.20 -2.48
CA ILE A 170 14.72 -11.84 -3.84
C ILE A 170 15.74 -12.85 -4.38
N LYS A 171 16.69 -13.22 -3.56
CA LYS A 171 17.72 -14.18 -3.98
C LYS A 171 17.24 -15.60 -4.14
N GLU A 172 16.41 -16.08 -3.23
CA GLU A 172 16.03 -17.50 -3.11
C GLU A 172 14.65 -17.84 -3.67
N GLN A 173 13.73 -16.89 -3.68
CA GLN A 173 12.37 -17.06 -4.09
C GLN A 173 11.94 -15.89 -4.93
N PRO A 174 12.65 -15.68 -6.07
CA PRO A 174 12.40 -14.48 -6.85
C PRO A 174 11.00 -14.40 -7.42
N ASP A 175 10.27 -15.52 -7.55
CA ASP A 175 8.87 -15.45 -8.00
CA ASP A 175 8.91 -15.63 -7.93
C ASP A 175 7.91 -15.11 -6.89
N SER A 176 8.38 -14.85 -5.71
CA SER A 176 7.49 -14.58 -4.57
C SER A 176 6.63 -13.37 -4.78
N ARG A 177 5.36 -13.48 -4.38
CA ARG A 177 4.40 -12.39 -4.35
C ARG A 177 4.26 -11.79 -2.95
N ARG A 178 5.21 -12.12 -2.08
CA ARG A 178 5.12 -11.78 -0.66
C ARG A 178 6.32 -10.91 -0.20
N ILE A 179 7.01 -10.25 -1.11
CA ILE A 179 8.27 -9.60 -0.75
C ILE A 179 7.95 -8.17 -0.33
N ILE A 180 7.66 -7.96 0.97
CA ILE A 180 7.14 -6.70 1.51
C ILE A 180 7.92 -6.28 2.72
N MET A 181 8.15 -4.98 2.85
CA MET A 181 8.72 -4.36 4.03
C MET A 181 7.82 -3.20 4.44
N SER A 182 7.52 -3.05 5.72
CA SER A 182 6.64 -2.01 6.20
C SER A 182 7.06 -1.45 7.55
N ALA A 183 6.96 -0.14 7.69
CA ALA A 183 7.14 0.52 9.01
C ALA A 183 5.80 0.72 9.69
N TRP A 184 4.67 0.31 9.11
CA TRP A 184 3.40 0.55 9.73
C TRP A 184 3.18 -0.48 10.86
N ASN A 185 3.42 -0.03 12.09
CA ASN A 185 3.33 -0.90 13.28
C ASN A 185 2.36 -0.26 14.21
N PRO A 186 1.07 -0.69 14.18
CA PRO A 186 0.06 -0.14 15.09
C PRO A 186 0.44 -0.15 16.54
N SER A 187 1.17 -1.16 17.02
CA SER A 187 1.54 -1.21 18.42
C SER A 187 2.48 -0.11 18.83
N ASP A 188 3.21 0.47 17.89
CA ASP A 188 4.26 1.42 18.16
C ASP A 188 3.99 2.84 17.69
N LEU A 189 2.90 3.05 16.92
CA LEU A 189 2.60 4.36 16.36
C LEU A 189 2.62 5.43 17.45
N GLY A 190 2.04 5.12 18.59
CA GLY A 190 1.93 6.15 19.64
C GLY A 190 3.26 6.64 20.20
N GLN A 191 4.33 5.88 20.05
CA GLN A 191 5.63 6.29 20.49
C GLN A 191 6.49 6.94 19.41
N MET A 192 6.02 6.93 18.15
CA MET A 192 6.72 7.59 17.08
C MET A 192 6.44 9.09 17.12
N VAL A 193 7.40 9.92 16.70
CA VAL A 193 7.10 11.33 16.58
C VAL A 193 6.09 11.64 15.52
N LEU A 194 6.02 10.82 14.47
CA LEU A 194 5.16 10.96 13.29
CA LEU A 194 4.82 10.78 13.66
C LEU A 194 4.84 9.49 12.90
N PRO A 195 3.64 9.14 12.37
CA PRO A 195 3.36 7.91 11.71
CA PRO A 195 3.58 7.78 11.73
C PRO A 195 4.24 7.86 10.41
N PRO A 196 4.73 6.69 9.94
CA PRO A 196 5.55 6.78 8.65
CA PRO A 196 5.38 6.51 8.69
C PRO A 196 4.60 7.19 7.53
N CYS A 197 5.22 7.92 6.65
CA CYS A 197 4.57 8.45 5.46
CA CYS A 197 4.55 8.46 5.45
C CYS A 197 4.61 7.47 4.29
N HIS A 198 5.79 6.93 4.01
CA HIS A 198 5.95 5.76 3.15
C HIS A 198 5.76 4.55 4.02
N THR A 199 4.59 3.95 3.90
CA THR A 199 4.14 2.98 4.89
C THR A 199 4.59 1.57 4.59
N MET A 200 4.88 1.23 3.35
CA MET A 200 5.23 -0.09 2.95
CA MET A 200 5.21 -0.10 2.95
C MET A 200 5.83 -0.02 1.54
N CYS A 201 6.48 -1.09 1.17
CA CYS A 201 6.87 -1.32 -0.20
C CYS A 201 6.83 -2.84 -0.48
N GLN A 202 6.70 -3.16 -1.75
CA GLN A 202 6.74 -4.53 -2.30
C GLN A 202 7.81 -4.58 -3.37
N PHE A 203 8.57 -5.65 -3.41
CA PHE A 203 9.51 -5.93 -4.47
C PHE A 203 9.01 -7.02 -5.36
N TYR A 204 9.54 -7.09 -6.58
CA TYR A 204 9.11 -7.99 -7.63
C TYR A 204 10.27 -8.26 -8.54
N VAL A 205 10.44 -9.51 -8.95
CA VAL A 205 11.53 -9.90 -9.82
C VAL A 205 11.00 -10.47 -11.13
N ASP A 206 11.50 -10.02 -12.27
CA ASP A 206 11.18 -10.61 -13.58
C ASP A 206 12.41 -10.35 -14.46
N ASN A 207 12.68 -11.24 -15.39
CA ASN A 207 13.68 -11.14 -16.40
C ASN A 207 15.03 -10.62 -15.83
N GLY A 208 15.39 -11.11 -14.67
CA GLY A 208 16.64 -10.65 -14.01
C GLY A 208 16.67 -9.27 -13.46
N GLU A 209 15.48 -8.64 -13.40
CA GLU A 209 15.30 -7.27 -12.98
C GLU A 209 14.45 -7.12 -11.71
N LEU A 210 14.87 -6.23 -10.85
CA LEU A 210 14.21 -5.91 -9.57
C LEU A 210 13.36 -4.68 -9.70
N SER A 211 12.07 -4.80 -9.41
CA SER A 211 11.15 -3.67 -9.34
C SER A 211 10.65 -3.49 -7.89
N CYS A 212 10.09 -2.34 -7.65
CA CYS A 212 9.64 -1.93 -6.32
C CYS A 212 8.41 -1.10 -6.47
N GLN A 213 7.43 -1.28 -5.58
CA GLN A 213 6.27 -0.38 -5.44
C GLN A 213 6.22 0.11 -4.01
N LEU A 214 6.19 1.44 -3.83
CA LEU A 214 5.96 2.03 -2.51
C LEU A 214 4.57 2.55 -2.42
N TYR A 215 4.05 2.58 -1.17
CA TYR A 215 2.81 3.24 -0.85
C TYR A 215 3.08 4.39 0.10
N GLN A 216 2.67 5.59 -0.34
CA GLN A 216 2.83 6.82 0.45
C GLN A 216 1.44 7.33 0.79
N ARG A 217 1.10 7.37 2.11
CA ARG A 217 -0.26 7.66 2.51
C ARG A 217 -0.68 9.10 2.29
N SER A 218 0.28 10.01 2.25
CA SER A 218 0.06 11.43 2.10
CA SER A 218 0.03 11.40 1.95
C SER A 218 1.30 12.02 1.56
N GLY A 219 1.21 13.01 0.72
CA GLY A 219 2.39 13.83 0.50
C GLY A 219 2.18 15.03 -0.42
N ASP A 220 3.04 16.01 -0.27
CA ASP A 220 3.09 17.18 -1.05
C ASP A 220 3.85 16.83 -2.33
N MET A 221 3.20 17.01 -3.46
CA MET A 221 3.80 16.74 -4.74
C MET A 221 5.06 17.54 -4.94
N GLY A 222 5.21 18.67 -4.26
CA GLY A 222 6.32 19.54 -4.42
C GLY A 222 7.50 19.22 -3.54
N LEU A 223 7.42 18.33 -2.58
CA LEU A 223 8.48 18.16 -1.63
C LEU A 223 8.66 16.69 -1.20
N GLY A 224 7.76 16.17 -0.35
CA GLY A 224 7.92 14.83 0.14
C GLY A 224 7.75 13.75 -0.92
N VAL A 225 6.86 13.98 -1.89
CA VAL A 225 6.69 12.98 -2.93
C VAL A 225 7.95 12.76 -3.76
N PRO A 226 8.58 13.84 -4.31
CA PRO A 226 9.82 13.64 -5.03
C PRO A 226 10.96 13.08 -4.18
N PHE A 227 10.99 13.47 -2.91
CA PHE A 227 12.04 13.00 -2.02
C PHE A 227 11.92 11.48 -1.84
N ASN A 228 10.70 11.00 -1.56
CA ASN A 228 10.52 9.57 -1.36
C ASN A 228 10.67 8.77 -2.65
N LEU A 229 10.30 9.37 -3.81
CA LEU A 229 10.57 8.78 -5.10
C LEU A 229 12.04 8.49 -5.25
N ALA A 230 12.88 9.48 -4.96
CA ALA A 230 14.29 9.30 -5.08
C ALA A 230 14.83 8.25 -4.09
N SER A 231 14.34 8.29 -2.84
CA SER A 231 14.83 7.38 -1.84
CA SER A 231 14.72 7.35 -1.77
C SER A 231 14.58 5.91 -2.23
N TYR A 232 13.36 5.58 -2.68
CA TYR A 232 13.10 4.21 -3.13
C TYR A 232 13.80 3.89 -4.42
N GLY A 233 14.03 4.88 -5.28
CA GLY A 233 14.88 4.58 -6.42
C GLY A 233 16.28 4.13 -5.99
N LEU A 234 16.87 4.88 -5.07
CA LEU A 234 18.18 4.50 -4.54
C LEU A 234 18.13 3.15 -3.87
N LEU A 235 17.13 2.89 -3.03
CA LEU A 235 17.04 1.63 -2.33
C LEU A 235 16.99 0.48 -3.32
N THR A 236 16.19 0.63 -4.36
CA THR A 236 16.06 -0.45 -5.34
C THR A 236 17.37 -0.71 -6.05
N HIS A 237 18.10 0.31 -6.42
CA HIS A 237 19.43 0.09 -6.99
C HIS A 237 20.37 -0.60 -5.99
N MET A 238 20.34 -0.22 -4.74
CA MET A 238 21.19 -0.85 -3.75
C MET A 238 20.87 -2.31 -3.56
N ILE A 239 19.59 -2.64 -3.43
CA ILE A 239 19.17 -4.03 -3.23
C ILE A 239 19.48 -4.84 -4.47
N ALA A 240 19.29 -4.27 -5.65
CA ALA A 240 19.62 -5.00 -6.88
C ALA A 240 21.09 -5.34 -6.85
N LYS A 241 22.00 -4.44 -6.48
CA LYS A 241 23.40 -4.74 -6.43
C LYS A 241 23.68 -5.89 -5.45
N VAL A 242 23.13 -5.81 -4.25
CA VAL A 242 23.30 -6.88 -3.26
C VAL A 242 22.87 -8.23 -3.80
N CYS A 243 21.80 -8.25 -4.57
CA CYS A 243 21.17 -9.49 -5.00
C CYS A 243 21.67 -9.95 -6.38
N GLY A 244 22.60 -9.21 -6.99
CA GLY A 244 23.13 -9.61 -8.28
C GLY A 244 22.14 -9.47 -9.43
N LEU A 245 21.19 -8.55 -9.31
CA LEU A 245 20.14 -8.28 -10.30
C LEU A 245 20.33 -6.95 -10.95
N LYS A 246 19.63 -6.69 -12.01
CA LYS A 246 19.56 -5.40 -12.65
CA LYS A 246 19.57 -5.38 -12.61
C LYS A 246 18.33 -4.66 -12.13
N PRO A 247 18.34 -3.34 -12.11
CA PRO A 247 17.16 -2.59 -11.71
C PRO A 247 16.08 -2.60 -12.78
N GLY A 248 14.82 -2.63 -12.38
CA GLY A 248 13.65 -2.68 -13.26
C GLY A 248 12.88 -1.37 -13.22
N THR A 249 11.71 -1.39 -12.57
CA THR A 249 10.82 -0.25 -12.53
C THR A 249 10.48 0.09 -11.08
N LEU A 250 10.30 1.37 -10.79
CA LEU A 250 9.77 1.85 -9.51
C LEU A 250 8.36 2.33 -9.73
N VAL A 251 7.43 1.86 -8.90
CA VAL A 251 6.02 2.26 -8.92
C VAL A 251 5.76 3.07 -7.64
N HIS A 252 5.27 4.29 -7.80
CA HIS A 252 4.99 5.17 -6.67
C HIS A 252 3.50 5.35 -6.56
N THR A 253 2.90 4.77 -5.51
CA THR A 253 1.46 4.86 -5.26
C THR A 253 1.19 5.83 -4.12
N LEU A 254 0.20 6.70 -4.32
CA LEU A 254 -0.18 7.70 -3.32
C LEU A 254 -1.58 7.47 -2.84
N GLY A 255 -1.76 7.80 -1.55
CA GLY A 255 -3.05 8.04 -0.90
C GLY A 255 -3.47 9.47 -1.16
N ASP A 256 -3.31 10.34 -0.17
CA ASP A 256 -3.63 11.77 -0.34
CA ASP A 256 -3.64 11.74 -0.36
C ASP A 256 -2.49 12.48 -1.06
N ALA A 257 -2.66 12.67 -2.36
CA ALA A 257 -1.68 13.40 -3.17
C ALA A 257 -2.16 14.87 -3.21
N HIS A 258 -1.35 15.80 -2.73
CA HIS A 258 -1.78 17.16 -2.59
C HIS A 258 -0.71 18.16 -2.98
N VAL A 259 -1.17 19.36 -3.28
CA VAL A 259 -0.33 20.51 -3.43
C VAL A 259 -0.93 21.59 -2.52
N TYR A 260 -0.09 22.58 -2.19
CA TYR A 260 -0.55 23.75 -1.41
C TYR A 260 -1.07 24.79 -2.36
N SER A 261 -2.20 25.37 -2.05
CA SER A 261 -2.85 26.35 -2.87
C SER A 261 -2.00 27.63 -3.03
N ASN A 262 -1.13 27.93 -2.07
CA ASN A 262 -0.31 29.12 -2.21
C ASN A 262 0.94 28.90 -3.08
N HIS A 263 1.15 27.70 -3.63
CA HIS A 263 2.23 27.45 -4.55
C HIS A 263 1.82 27.26 -6.00
N VAL A 264 0.59 27.55 -6.34
CA VAL A 264 0.10 27.35 -7.64
C VAL A 264 0.87 28.13 -8.70
N ASP A 265 1.25 29.35 -8.41
CA ASP A 265 1.94 30.14 -9.42
C ASP A 265 3.25 29.51 -9.78
N ALA A 266 4.02 29.14 -8.78
CA ALA A 266 5.24 28.42 -8.98
C ALA A 266 5.02 27.15 -9.75
N LEU A 267 4.03 26.35 -9.34
CA LEU A 267 3.75 25.07 -10.01
C LEU A 267 3.50 25.28 -11.45
N LYS A 268 2.78 26.31 -11.80
CA LYS A 268 2.52 26.51 -13.20
C LYS A 268 3.77 26.79 -14.00
N ILE A 269 4.72 27.59 -13.46
CA ILE A 269 5.97 27.75 -14.17
C ILE A 269 6.58 26.40 -14.36
N GLN A 270 6.69 25.65 -13.26
CA GLN A 270 7.34 24.35 -13.29
C GLN A 270 6.78 23.39 -14.35
N LEU A 271 5.45 23.39 -14.43
CA LEU A 271 4.73 22.47 -15.33
C LEU A 271 5.02 22.75 -16.78
N ASP A 272 5.51 23.89 -17.13
CA ASP A 272 5.90 24.25 -18.50
C ASP A 272 7.29 23.84 -18.87
N ARG A 273 8.09 23.38 -17.89
CA ARG A 273 9.48 23.02 -18.14
C ARG A 273 9.60 21.64 -18.78
N GLU A 274 10.52 21.50 -19.70
CA GLU A 274 10.82 20.22 -20.31
C GLU A 274 11.81 19.47 -19.41
N PRO A 275 11.45 18.30 -18.88
CA PRO A 275 12.38 17.58 -18.05
C PRO A 275 13.68 17.23 -18.75
N TYR A 276 14.78 17.22 -18.01
CA TYR A 276 16.04 16.65 -18.44
C TYR A 276 16.03 15.15 -18.26
N ALA A 277 16.93 14.42 -18.89
CA ALA A 277 17.13 13.05 -18.51
C ALA A 277 17.45 12.93 -17.06
N PHE A 278 16.98 11.89 -16.41
CA PHE A 278 17.36 11.65 -15.02
C PHE A 278 18.85 11.32 -14.91
N PRO A 279 19.44 11.61 -13.76
CA PRO A 279 20.81 11.19 -13.50
C PRO A 279 20.91 9.66 -13.35
N LYS A 280 22.14 9.18 -13.26
CA LYS A 280 22.41 7.77 -13.03
C LYS A 280 23.20 7.58 -11.76
N ILE A 281 22.90 6.49 -11.08
CA ILE A 281 23.64 6.05 -9.88
CA ILE A 281 23.64 6.08 -9.93
C ILE A 281 24.79 5.15 -10.30
N ARG A 282 25.90 5.28 -9.63
CA ARG A 282 27.05 4.45 -9.82
CA ARG A 282 27.01 4.35 -9.77
C ARG A 282 27.62 4.04 -8.47
N PHE A 283 27.82 2.77 -8.20
CA PHE A 283 28.43 2.29 -6.96
C PHE A 283 29.88 2.00 -7.24
N THR A 284 30.81 2.59 -6.48
CA THR A 284 32.22 2.55 -6.87
C THR A 284 33.00 1.50 -6.21
N ARG A 285 32.47 0.60 -5.44
CA ARG A 285 33.10 -0.59 -4.96
C ARG A 285 32.04 -1.67 -4.72
N ASP A 286 32.51 -2.90 -4.55
CA ASP A 286 31.65 -4.00 -4.18
C ASP A 286 31.18 -3.78 -2.70
N VAL A 287 30.06 -4.43 -2.42
CA VAL A 287 29.47 -4.43 -1.09
C VAL A 287 29.29 -5.85 -0.57
N ALA A 288 29.53 -6.03 0.70
CA ALA A 288 29.34 -7.33 1.34
C ALA A 288 27.91 -7.68 1.60
N SER A 289 27.05 -6.68 1.80
CA SER A 289 25.66 -6.84 2.17
C SER A 289 25.00 -5.47 2.07
N ILE A 290 23.70 -5.43 2.34
CA ILE A 290 22.96 -4.20 2.36
C ILE A 290 23.45 -3.23 3.42
N ASP A 291 24.18 -3.74 4.44
CA ASP A 291 24.73 -2.96 5.51
C ASP A 291 26.11 -2.40 5.23
N ASP A 292 26.63 -2.61 4.02
CA ASP A 292 28.02 -2.31 3.68
C ASP A 292 28.15 -1.15 2.71
N PHE A 293 27.18 -0.26 2.58
CA PHE A 293 27.30 0.92 1.78
C PHE A 293 27.75 2.08 2.61
N THR A 294 28.51 2.99 2.00
CA THR A 294 28.90 4.28 2.62
C THR A 294 28.68 5.36 1.59
N SER A 295 28.48 6.57 2.07
CA SER A 295 28.16 7.68 1.18
C SER A 295 29.26 7.94 0.17
N ASP A 296 30.50 7.67 0.49
CA ASP A 296 31.63 7.93 -0.42
C ASP A 296 31.67 6.99 -1.61
N MET A 297 30.88 5.95 -1.66
CA MET A 297 30.89 5.02 -2.79
C MET A 297 29.55 5.01 -3.58
N ILE A 298 28.67 5.95 -3.30
CA ILE A 298 27.44 6.13 -4.03
C ILE A 298 27.63 7.44 -4.83
N ALA A 299 27.86 7.29 -6.11
CA ALA A 299 28.04 8.43 -7.00
C ALA A 299 26.80 8.71 -7.80
N LEU A 300 26.52 10.00 -8.01
CA LEU A 300 25.35 10.44 -8.78
C LEU A 300 25.88 11.23 -9.97
N ASP A 301 25.69 10.67 -11.16
CA ASP A 301 26.20 11.25 -12.38
C ASP A 301 25.16 12.06 -13.11
N ASP A 302 25.53 13.26 -13.55
CA ASP A 302 24.74 14.04 -14.49
C ASP A 302 23.39 14.48 -13.99
N TYR A 303 23.34 14.90 -12.73
CA TYR A 303 22.06 15.46 -12.19
C TYR A 303 21.96 16.92 -12.60
N LYS A 304 21.35 17.13 -13.72
CA LYS A 304 21.06 18.44 -14.29
CA LYS A 304 21.06 18.44 -14.29
C LYS A 304 19.65 18.81 -13.95
N CYS A 305 19.47 20.01 -13.41
CA CYS A 305 18.21 20.55 -13.00
C CYS A 305 17.93 21.90 -13.61
N HIS A 306 16.66 22.23 -13.74
CA HIS A 306 16.24 23.58 -14.01
C HIS A 306 16.48 24.45 -12.79
N PRO A 307 16.56 25.76 -12.94
CA PRO A 307 16.83 26.65 -11.82
C PRO A 307 15.72 26.66 -10.80
N LYS A 308 16.07 27.09 -9.61
CA LYS A 308 15.09 27.40 -8.53
CA LYS A 308 15.02 27.31 -8.58
C LYS A 308 14.07 28.46 -9.04
N ILE A 309 12.78 28.27 -8.72
CA ILE A 309 11.73 29.23 -9.11
C ILE A 309 11.62 30.19 -7.95
N PRO A 310 11.92 31.51 -8.13
CA PRO A 310 12.08 32.30 -6.94
C PRO A 310 10.91 32.34 -5.97
N MET A 311 9.70 32.23 -6.52
CA MET A 311 8.49 32.53 -5.76
C MET A 311 7.92 31.30 -5.05
N GLN B 24 -16.78 4.08 -27.26
CA GLN B 24 -16.69 5.36 -26.51
C GLN B 24 -17.33 5.21 -25.12
N VAL B 25 -18.64 5.32 -25.04
CA VAL B 25 -19.28 5.37 -23.71
C VAL B 25 -20.06 4.10 -23.38
N HIS B 26 -19.82 3.67 -22.17
CA HIS B 26 -20.34 2.48 -21.63
C HIS B 26 -21.24 2.81 -20.45
N LEU B 27 -22.30 2.01 -20.35
CA LEU B 27 -23.18 2.18 -19.18
C LEU B 27 -22.39 2.05 -17.88
N ASN B 28 -21.51 1.05 -17.81
CA ASN B 28 -20.68 0.80 -16.64
C ASN B 28 -19.22 0.99 -17.01
N GLN B 29 -18.79 2.25 -17.02
CA GLN B 29 -17.43 2.57 -17.41
C GLN B 29 -16.41 2.03 -16.46
N ASP B 30 -16.78 1.92 -15.14
CA ASP B 30 -15.84 1.40 -14.20
C ASP B 30 -15.46 -0.06 -14.48
N GLU B 31 -16.46 -0.90 -14.79
CA GLU B 31 -16.15 -2.27 -15.16
C GLU B 31 -15.46 -2.31 -16.54
N TYR B 32 -15.88 -1.45 -17.47
CA TYR B 32 -15.17 -1.43 -18.75
C TYR B 32 -13.65 -1.16 -18.55
N LYS B 33 -13.33 -0.23 -17.66
CA LYS B 33 -11.93 0.05 -17.35
C LYS B 33 -11.23 -1.15 -16.75
N TYR B 34 -11.90 -1.95 -15.92
CA TYR B 34 -11.36 -3.22 -15.45
CA TYR B 34 -11.33 -3.19 -15.43
C TYR B 34 -11.03 -4.12 -16.59
N LEU B 35 -11.95 -4.27 -17.56
CA LEU B 35 -11.65 -5.12 -18.72
C LEU B 35 -10.44 -4.59 -19.50
N LYS B 36 -10.29 -3.28 -19.58
CA LYS B 36 -9.10 -2.70 -20.26
C LYS B 36 -7.85 -3.06 -19.46
N GLN B 37 -7.88 -3.14 -18.12
CA GLN B 37 -6.73 -3.59 -17.38
C GLN B 37 -6.35 -4.98 -17.76
N VAL B 38 -7.33 -5.88 -17.85
CA VAL B 38 -7.08 -7.27 -18.22
C VAL B 38 -6.43 -7.33 -19.63
N GLU B 39 -7.00 -6.57 -20.54
CA GLU B 39 -6.45 -6.48 -21.91
C GLU B 39 -4.99 -5.97 -21.89
N GLN B 40 -4.72 -4.98 -21.02
CA GLN B 40 -3.40 -4.45 -20.91
C GLN B 40 -2.38 -5.50 -20.42
N ILE B 41 -2.79 -6.29 -19.43
CA ILE B 41 -1.96 -7.34 -18.92
C ILE B 41 -1.65 -8.36 -20.08
N LEU B 42 -2.70 -8.76 -20.81
CA LEU B 42 -2.47 -9.68 -21.91
C LEU B 42 -1.56 -9.14 -22.96
N ARG B 43 -1.65 -7.86 -23.29
CA ARG B 43 -0.81 -7.22 -24.32
C ARG B 43 0.56 -6.79 -23.90
N GLU B 44 0.70 -6.24 -22.69
CA GLU B 44 1.92 -5.57 -22.21
C GLU B 44 2.55 -6.27 -21.04
N GLY B 45 1.93 -7.31 -20.49
CA GLY B 45 2.50 -7.96 -19.34
C GLY B 45 3.65 -8.85 -19.72
N THR B 46 4.19 -9.53 -18.74
CA THR B 46 5.28 -10.48 -18.92
CA THR B 46 5.29 -10.44 -18.86
C THR B 46 4.89 -11.84 -18.47
N ARG B 47 5.23 -12.79 -19.32
CA ARG B 47 4.93 -14.17 -19.06
C ARG B 47 6.04 -14.72 -18.21
N ARG B 48 5.65 -15.48 -17.22
CA ARG B 48 6.56 -16.18 -16.35
C ARG B 48 5.95 -17.53 -16.16
N ASP B 49 6.84 -18.39 -15.85
CA ASP B 49 6.47 -19.70 -15.39
CA ASP B 49 6.46 -19.61 -15.31
C ASP B 49 7.10 -19.81 -13.93
N ASP B 50 6.28 -20.10 -12.90
CA ASP B 50 6.81 -20.34 -11.57
C ASP B 50 7.52 -21.79 -11.46
N ARG B 51 7.82 -22.18 -10.24
N ARG B 51 7.97 -22.24 -10.29
CA ARG B 51 8.49 -23.43 -9.95
CA ARG B 51 8.57 -23.60 -10.23
C ARG B 51 7.66 -24.68 -10.31
C ARG B 51 7.52 -24.68 -10.01
N THR B 52 6.38 -24.52 -10.65
CA THR B 52 5.46 -25.66 -10.88
C THR B 52 5.30 -25.90 -12.36
N GLY B 53 5.97 -25.04 -13.12
CA GLY B 53 5.63 -24.86 -14.49
C GLY B 53 4.31 -24.13 -14.65
N THR B 54 3.80 -23.43 -13.62
CA THR B 54 2.57 -22.65 -13.81
CA THR B 54 2.52 -22.64 -13.83
C THR B 54 2.71 -21.24 -14.45
N GLY B 55 2.07 -21.06 -15.59
CA GLY B 55 2.25 -19.81 -16.39
C GLY B 55 1.26 -18.72 -16.08
N THR B 56 1.82 -17.57 -15.85
CA THR B 56 1.05 -16.37 -15.61
C THR B 56 1.56 -15.29 -16.48
N ILE B 57 0.72 -14.32 -16.71
CA ILE B 57 1.10 -13.11 -17.40
C ILE B 57 0.77 -12.00 -16.40
N SER B 58 1.75 -11.10 -16.15
CA SER B 58 1.65 -10.15 -15.06
CA SER B 58 1.70 -10.14 -15.02
C SER B 58 2.08 -8.75 -15.44
N ILE B 59 1.47 -7.76 -14.79
CA ILE B 59 1.97 -6.40 -14.69
C ILE B 59 2.16 -6.11 -13.22
N PHE B 60 3.31 -5.60 -12.85
CA PHE B 60 3.55 -5.17 -11.47
C PHE B 60 3.17 -3.69 -11.33
N GLY B 61 2.15 -3.42 -10.55
CA GLY B 61 1.65 -2.07 -10.33
C GLY B 61 0.50 -1.71 -11.19
N MET B 62 -0.71 -1.73 -10.67
CA MET B 62 -1.88 -1.21 -11.39
CA MET B 62 -1.92 -1.33 -11.36
C MET B 62 -2.77 -0.51 -10.37
N GLN B 63 -3.68 0.30 -10.87
CA GLN B 63 -4.59 1.05 -10.02
C GLN B 63 -5.85 1.36 -10.82
N SER B 64 -7.01 1.24 -10.17
CA SER B 64 -8.28 1.59 -10.74
C SER B 64 -9.19 2.11 -9.69
N LYS B 65 -10.25 2.80 -10.13
CA LYS B 65 -11.20 3.47 -9.24
C LYS B 65 -12.63 3.10 -9.61
N TYR B 66 -13.48 3.12 -8.55
CA TYR B 66 -14.85 2.67 -8.67
C TYR B 66 -15.71 3.62 -7.86
N CYS B 67 -16.76 4.17 -8.51
CA CYS B 67 -17.72 5.01 -7.83
C CYS B 67 -18.65 4.20 -6.96
N LEU B 68 -18.82 4.60 -5.71
CA LEU B 68 -19.68 3.92 -4.73
C LEU B 68 -20.97 4.73 -4.47
N ARG B 69 -21.19 5.82 -5.18
CA ARG B 69 -22.29 6.66 -4.89
CA ARG B 69 -22.31 6.71 -4.97
C ARG B 69 -23.64 6.00 -5.19
N ASN B 70 -24.64 6.47 -4.47
CA ASN B 70 -26.01 5.97 -4.69
C ASN B 70 -26.14 4.52 -4.43
N GLY B 71 -25.34 3.95 -3.52
CA GLY B 71 -25.43 2.56 -3.15
C GLY B 71 -24.64 1.59 -4.03
N THR B 72 -24.01 2.11 -5.08
CA THR B 72 -23.35 1.23 -6.02
C THR B 72 -22.25 0.40 -5.38
N ILE B 73 -22.22 -0.87 -5.65
CA ILE B 73 -21.17 -1.74 -5.17
C ILE B 73 -20.55 -2.45 -6.35
N PRO B 74 -19.24 -2.44 -6.49
CA PRO B 74 -18.59 -2.94 -7.72
C PRO B 74 -18.41 -4.47 -7.68
N LEU B 75 -19.50 -5.17 -7.88
CA LEU B 75 -19.58 -6.62 -8.04
C LEU B 75 -19.59 -6.89 -9.54
N LEU B 76 -18.49 -7.45 -10.06
CA LEU B 76 -18.34 -7.56 -11.50
C LEU B 76 -19.46 -8.37 -12.14
N THR B 77 -19.81 -7.96 -13.36
CA THR B 77 -20.94 -8.47 -14.07
C THR B 77 -20.58 -9.35 -15.27
N THR B 78 -19.38 -9.16 -15.84
CA THR B 78 -18.97 -9.93 -17.01
C THR B 78 -18.49 -11.32 -16.67
N LYS B 79 -18.10 -11.54 -15.41
CA LYS B 79 -17.83 -12.85 -14.83
C LYS B 79 -18.32 -12.76 -13.40
N ARG B 80 -19.26 -13.60 -13.02
CA ARG B 80 -19.90 -13.49 -11.74
CA ARG B 80 -19.91 -13.47 -11.76
C ARG B 80 -18.92 -13.62 -10.58
N VAL B 81 -19.25 -13.00 -9.45
CA VAL B 81 -18.50 -13.06 -8.23
C VAL B 81 -19.36 -13.76 -7.15
N TYR B 82 -18.68 -14.55 -6.34
CA TYR B 82 -19.31 -15.35 -5.29
C TYR B 82 -19.71 -14.47 -4.11
N TRP B 83 -20.90 -13.88 -4.20
CA TRP B 83 -21.36 -12.88 -3.22
C TRP B 83 -21.43 -13.43 -1.84
N LYS B 84 -21.99 -14.63 -1.63
CA LYS B 84 -22.06 -15.17 -0.27
C LYS B 84 -20.68 -15.28 0.34
N GLY B 85 -19.70 -15.72 -0.44
CA GLY B 85 -18.35 -15.78 0.03
C GLY B 85 -17.82 -14.42 0.46
N VAL B 86 -18.02 -13.40 -0.37
CA VAL B 86 -17.56 -12.03 -0.05
C VAL B 86 -18.15 -11.60 1.29
N LEU B 87 -19.47 -11.71 1.38
CA LEU B 87 -20.21 -11.18 2.51
C LEU B 87 -19.89 -11.95 3.78
N GLU B 88 -19.95 -13.26 3.76
CA GLU B 88 -19.70 -14.05 4.94
C GLU B 88 -18.25 -13.92 5.38
N GLU B 89 -17.31 -13.90 4.44
CA GLU B 89 -15.93 -13.71 4.82
C GLU B 89 -15.73 -12.39 5.49
N LEU B 90 -16.35 -11.33 4.97
CA LEU B 90 -16.15 -10.02 5.55
C LEU B 90 -16.72 -9.92 7.00
N LEU B 91 -17.91 -10.48 7.21
CA LEU B 91 -18.44 -10.47 8.58
C LEU B 91 -17.53 -11.26 9.52
N TRP B 92 -16.96 -12.36 9.02
CA TRP B 92 -16.03 -13.17 9.79
C TRP B 92 -14.72 -12.43 10.08
N PHE B 93 -14.17 -11.70 9.11
CA PHE B 93 -13.02 -10.83 9.35
C PHE B 93 -13.36 -9.84 10.46
N ILE B 94 -14.47 -9.13 10.31
CA ILE B 94 -14.84 -8.12 11.29
C ILE B 94 -14.95 -8.69 12.66
N SER B 95 -15.48 -9.89 12.79
CA SER B 95 -15.64 -10.56 14.08
CA SER B 95 -15.61 -10.52 14.10
C SER B 95 -14.31 -10.90 14.74
N GLY B 96 -13.19 -10.82 14.02
CA GLY B 96 -11.92 -11.19 14.55
C GLY B 96 -11.57 -12.64 14.49
N SER B 97 -12.46 -13.46 13.91
CA SER B 97 -12.30 -14.90 13.89
CA SER B 97 -12.29 -14.90 13.88
C SER B 97 -11.12 -15.29 12.97
N THR B 98 -10.48 -16.38 13.34
CA THR B 98 -9.45 -17.02 12.58
C THR B 98 -9.74 -18.52 12.42
N ASP B 99 -10.97 -18.93 12.68
CA ASP B 99 -11.40 -20.32 12.59
C ASP B 99 -12.17 -20.52 11.28
N GLY B 100 -11.50 -21.12 10.32
CA GLY B 100 -12.16 -21.41 9.04
C GLY B 100 -13.38 -22.29 9.16
N LYS B 101 -13.48 -23.08 10.24
CA LYS B 101 -14.62 -23.95 10.39
C LYS B 101 -15.89 -23.16 10.50
N LEU B 102 -15.83 -21.93 10.99
CA LEU B 102 -17.01 -21.10 11.07
C LEU B 102 -17.58 -20.76 9.72
N LEU B 103 -16.72 -20.55 8.71
CA LEU B 103 -17.16 -20.38 7.34
C LEU B 103 -17.69 -21.66 6.75
N MET B 104 -17.04 -22.79 7.00
CA MET B 104 -17.51 -24.04 6.47
CA MET B 104 -17.52 -24.05 6.48
C MET B 104 -18.91 -24.34 6.97
N GLU B 105 -19.25 -23.90 8.18
CA GLU B 105 -20.58 -24.13 8.73
C GLU B 105 -21.67 -23.42 7.95
N LYS B 106 -21.27 -22.33 7.31
CA LYS B 106 -22.10 -21.56 6.45
C LYS B 106 -22.03 -22.01 4.97
N ASN B 107 -21.38 -23.12 4.67
CA ASN B 107 -21.17 -23.62 3.36
C ASN B 107 -20.36 -22.66 2.54
N VAL B 108 -19.41 -21.97 3.15
CA VAL B 108 -18.43 -21.14 2.45
C VAL B 108 -17.09 -21.81 2.59
N LYS B 109 -16.54 -22.32 1.48
CA LYS B 109 -15.41 -23.21 1.48
CA LYS B 109 -15.42 -23.21 1.49
C LYS B 109 -14.09 -22.57 1.04
N ILE B 110 -14.08 -21.25 0.86
CA ILE B 110 -12.94 -20.57 0.28
C ILE B 110 -11.65 -20.71 1.10
N TRP B 111 -11.74 -20.93 2.42
CA TRP B 111 -10.57 -21.12 3.25
C TRP B 111 -10.32 -22.57 3.61
N GLU B 112 -11.05 -23.52 3.05
CA GLU B 112 -10.94 -24.92 3.47
C GLU B 112 -9.58 -25.49 3.15
N LYS B 113 -9.08 -25.30 1.95
CA LYS B 113 -7.82 -25.88 1.59
C LYS B 113 -6.69 -25.31 2.38
N ASN B 114 -6.70 -24.02 2.66
CA ASN B 114 -5.64 -23.35 3.41
C ASN B 114 -5.62 -23.65 4.88
N GLY B 115 -6.64 -24.30 5.38
CA GLY B 115 -6.69 -24.70 6.78
C GLY B 115 -6.72 -26.20 7.02
N ASP B 116 -6.60 -26.98 5.97
CA ASP B 116 -6.75 -28.41 6.16
C ASP B 116 -5.48 -29.07 6.69
N ARG B 117 -5.66 -30.27 7.21
CA ARG B 117 -4.58 -30.99 7.82
C ARG B 117 -3.32 -30.99 7.03
N ALA B 118 -3.43 -31.33 5.78
CA ALA B 118 -2.28 -31.47 4.92
C ALA B 118 -1.56 -30.12 4.75
N PHE B 119 -2.33 -29.05 4.52
CA PHE B 119 -1.74 -27.72 4.30
C PHE B 119 -1.01 -27.29 5.57
N LEU B 120 -1.62 -27.48 6.72
CA LEU B 120 -1.00 -27.13 7.98
C LEU B 120 0.23 -27.93 8.24
N ASP B 121 0.19 -29.24 8.02
CA ASP B 121 1.36 -30.06 8.29
C ASP B 121 2.55 -29.72 7.37
N ASN B 122 2.26 -29.37 6.12
CA ASN B 122 3.32 -28.97 5.21
C ASN B 122 4.05 -27.71 5.71
N LEU B 123 3.32 -26.83 6.40
CA LEU B 123 3.93 -25.65 7.00
C LEU B 123 4.63 -25.92 8.34
N GLY B 124 4.60 -27.15 8.82
CA GLY B 124 5.14 -27.48 10.09
C GLY B 124 4.20 -27.27 11.24
N PHE B 125 2.94 -26.94 10.97
CA PHE B 125 1.95 -26.67 12.01
C PHE B 125 1.23 -27.98 12.41
N THR B 126 2.07 -28.96 12.80
CA THR B 126 1.58 -30.27 13.05
C THR B 126 0.73 -30.49 14.28
N SER B 127 0.70 -29.51 15.20
CA SER B 127 -0.20 -29.51 16.36
C SER B 127 -1.33 -28.52 16.23
N ARG B 128 -1.53 -27.93 15.06
CA ARG B 128 -2.53 -26.92 14.86
C ARG B 128 -3.84 -27.61 14.46
N GLU B 129 -4.89 -27.27 15.17
CA GLU B 129 -6.22 -27.71 14.82
C GLU B 129 -6.55 -27.33 13.38
N GLU B 130 -7.16 -28.28 12.68
CA GLU B 130 -7.70 -28.00 11.34
C GLU B 130 -8.59 -26.79 11.37
N GLY B 131 -8.43 -25.92 10.37
CA GLY B 131 -9.20 -24.68 10.33
C GLY B 131 -8.67 -23.56 11.17
N ASP B 132 -7.68 -23.78 12.02
CA ASP B 132 -7.09 -22.69 12.79
C ASP B 132 -6.00 -22.08 11.90
N LEU B 133 -6.38 -20.95 11.28
CA LEU B 133 -5.59 -20.31 10.25
C LEU B 133 -4.36 -19.57 10.80
N GLY B 134 -4.30 -19.47 12.12
CA GLY B 134 -3.29 -18.65 12.76
C GLY B 134 -3.76 -17.21 12.81
N PRO B 135 -2.82 -16.28 13.12
CA PRO B 135 -3.16 -14.89 13.38
C PRO B 135 -3.36 -14.06 12.10
N VAL B 136 -4.30 -14.51 11.25
CA VAL B 136 -4.60 -13.87 9.98
C VAL B 136 -5.55 -12.73 10.13
N TYR B 137 -5.72 -12.00 9.06
CA TYR B 137 -6.74 -10.96 8.82
C TYR B 137 -7.46 -10.49 10.06
N GLY B 138 -8.60 -11.04 10.41
CA GLY B 138 -9.44 -10.43 11.41
C GLY B 138 -8.75 -10.33 12.78
N PHE B 139 -7.88 -11.26 13.15
CA PHE B 139 -7.13 -11.14 14.40
C PHE B 139 -6.27 -9.89 14.35
N GLN B 140 -5.59 -9.62 13.23
CA GLN B 140 -4.81 -8.41 13.13
C GLN B 140 -5.67 -7.16 13.10
N TRP B 141 -6.82 -7.19 12.42
CA TRP B 141 -7.67 -6.02 12.30
C TRP B 141 -8.18 -5.64 13.69
N ARG B 142 -8.50 -6.58 14.54
CA ARG B 142 -9.14 -6.29 15.83
C ARG B 142 -8.19 -6.39 17.02
N HIS B 143 -7.03 -7.02 16.87
CA HIS B 143 -6.15 -7.36 17.96
C HIS B 143 -4.66 -7.29 17.58
N PHE B 144 -4.27 -6.35 16.72
CA PHE B 144 -2.88 -6.28 16.25
C PHE B 144 -1.95 -6.21 17.46
N GLY B 145 -0.97 -7.11 17.52
CA GLY B 145 0.02 -7.11 18.58
C GLY B 145 -0.31 -7.99 19.72
N ALA B 146 -1.52 -8.52 19.83
CA ALA B 146 -1.84 -9.47 20.86
C ALA B 146 -1.10 -10.77 20.63
N LYS B 147 -0.96 -11.59 21.70
CA LYS B 147 -0.33 -12.86 21.66
CA LYS B 147 -0.33 -12.86 21.66
C LYS B 147 -1.31 -13.89 21.18
N TYR B 148 -1.14 -14.38 19.96
CA TYR B 148 -2.02 -15.39 19.42
C TYR B 148 -1.79 -16.70 20.13
N VAL B 149 -2.87 -17.38 20.47
CA VAL B 149 -2.86 -18.71 21.10
C VAL B 149 -3.55 -19.66 20.13
N ASP B 150 -4.84 -19.58 19.97
CA ASP B 150 -5.57 -20.41 19.01
C ASP B 150 -6.83 -19.71 18.59
N CYS B 151 -7.60 -20.35 17.72
CA CYS B 151 -8.79 -19.79 17.16
C CYS B 151 -10.07 -20.00 18.02
N HIS B 152 -9.86 -20.43 19.25
CA HIS B 152 -10.94 -20.53 20.26
C HIS B 152 -10.66 -19.65 21.46
N THR B 153 -9.77 -18.72 21.38
CA THR B 153 -9.36 -17.87 22.46
C THR B 153 -10.05 -16.54 22.41
N ASP B 154 -10.53 -16.06 23.56
CA ASP B 154 -11.12 -14.72 23.72
C ASP B 154 -10.02 -13.66 23.83
N TYR B 155 -9.86 -12.83 22.82
CA TYR B 155 -8.83 -11.78 22.79
C TYR B 155 -9.39 -10.46 23.20
N SER B 156 -10.60 -10.39 23.75
CA SER B 156 -11.22 -9.11 24.10
CA SER B 156 -11.18 -9.08 24.03
C SER B 156 -10.25 -8.21 24.90
N GLY B 157 -10.12 -6.98 24.48
CA GLY B 157 -9.27 -6.02 25.16
C GLY B 157 -7.80 -6.15 24.84
N GLN B 158 -7.37 -7.12 24.05
CA GLN B 158 -5.98 -7.37 23.80
C GLN B 158 -5.63 -6.84 22.39
N GLY B 159 -4.50 -6.15 22.27
CA GLY B 159 -4.01 -5.68 21.01
C GLY B 159 -4.72 -4.45 20.56
N VAL B 160 -4.27 -3.93 19.39
CA VAL B 160 -4.82 -2.73 18.83
C VAL B 160 -6.06 -3.07 17.99
N ASP B 161 -7.21 -2.50 18.33
CA ASP B 161 -8.40 -2.65 17.56
C ASP B 161 -8.37 -1.60 16.47
N GLN B 162 -7.72 -1.97 15.35
CA GLN B 162 -7.53 -1.03 14.27
C GLN B 162 -8.85 -0.62 13.62
N LEU B 163 -9.77 -1.55 13.49
CA LEU B 163 -11.06 -1.24 12.88
C LEU B 163 -11.84 -0.23 13.74
N ALA B 164 -11.84 -0.43 15.05
CA ALA B 164 -12.50 0.53 15.95
C ALA B 164 -11.82 1.87 15.84
N GLU B 165 -10.49 1.90 15.75
CA GLU B 165 -9.80 3.19 15.62
CA GLU B 165 -9.77 3.12 15.64
C GLU B 165 -10.12 3.86 14.35
N VAL B 166 -10.15 3.14 13.19
CA VAL B 166 -10.50 3.75 11.97
CA VAL B 166 -10.45 3.87 11.95
C VAL B 166 -11.87 4.46 12.05
N ILE B 167 -12.82 3.79 12.66
CA ILE B 167 -14.18 4.36 12.82
C ILE B 167 -14.14 5.57 13.71
N ARG B 168 -13.39 5.58 14.78
CA ARG B 168 -13.28 6.75 15.66
CA ARG B 168 -13.28 6.79 15.59
C ARG B 168 -12.65 7.89 14.80
N GLN B 169 -11.57 7.59 14.02
CA GLN B 169 -10.93 8.63 13.24
C GLN B 169 -11.86 9.21 12.22
N ILE B 170 -12.58 8.38 11.50
CA ILE B 170 -13.48 8.88 10.53
C ILE B 170 -14.54 9.81 11.15
N LYS B 171 -15.07 9.42 12.30
CA LYS B 171 -16.14 10.19 12.99
C LYS B 171 -15.63 11.45 13.64
N GLU B 172 -14.43 11.41 14.19
CA GLU B 172 -13.93 12.45 15.13
C GLU B 172 -12.81 13.20 14.56
N GLN B 173 -12.03 12.66 13.59
CA GLN B 173 -10.95 13.28 13.00
CA GLN B 173 -10.91 13.32 12.98
C GLN B 173 -10.91 13.06 11.44
N PRO B 174 -11.98 13.47 10.74
CA PRO B 174 -12.20 13.03 9.35
C PRO B 174 -11.17 13.53 8.40
N ASP B 175 -10.44 14.61 8.74
CA ASP B 175 -9.41 15.11 7.89
C ASP B 175 -8.08 14.27 7.93
N SER B 176 -8.01 13.32 8.79
CA SER B 176 -6.77 12.60 9.01
C SER B 176 -6.25 11.94 7.75
N ARG B 177 -4.94 12.01 7.62
CA ARG B 177 -4.15 11.39 6.57
C ARG B 177 -3.57 10.08 7.02
N ARG B 178 -4.00 9.53 8.14
CA ARG B 178 -3.46 8.42 8.88
CA ARG B 178 -3.46 8.25 8.58
C ARG B 178 -4.53 7.32 9.10
N ILE B 179 -5.63 7.28 8.35
CA ILE B 179 -6.74 6.38 8.67
C ILE B 179 -6.44 5.04 7.97
N ILE B 180 -5.70 4.17 8.61
CA ILE B 180 -5.13 2.96 7.97
C ILE B 180 -5.44 1.74 8.82
N MET B 181 -5.75 0.63 8.18
CA MET B 181 -5.88 -0.68 8.82
C MET B 181 -5.07 -1.66 8.05
N SER B 182 -4.27 -2.48 8.71
CA SER B 182 -3.42 -3.49 8.02
C SER B 182 -3.32 -4.78 8.74
N ALA B 183 -3.37 -5.88 8.02
CA ALA B 183 -3.09 -7.20 8.57
C ALA B 183 -1.62 -7.61 8.36
N TRP B 184 -0.79 -6.74 7.81
CA TRP B 184 0.61 -7.07 7.59
C TRP B 184 1.39 -6.92 8.87
N ASN B 185 1.55 -8.03 9.59
CA ASN B 185 2.22 -8.06 10.89
C ASN B 185 3.42 -8.98 10.79
N PRO B 186 4.61 -8.45 10.50
CA PRO B 186 5.81 -9.27 10.38
C PRO B 186 6.03 -10.25 11.53
N SER B 187 5.71 -9.81 12.72
CA SER B 187 5.90 -10.67 13.89
C SER B 187 5.10 -11.96 13.87
N ASP B 188 3.97 -11.92 13.18
CA ASP B 188 3.00 -13.01 13.11
C ASP B 188 2.96 -13.76 11.81
N LEU B 189 3.65 -13.28 10.76
CA LEU B 189 3.56 -13.90 9.47
C LEU B 189 3.90 -15.38 9.54
N GLY B 190 4.90 -15.74 10.34
CA GLY B 190 5.32 -17.12 10.38
C GLY B 190 4.32 -18.09 10.91
N GLN B 191 3.33 -17.63 11.64
CA GLN B 191 2.24 -18.49 12.16
C GLN B 191 0.99 -18.44 11.29
N MET B 192 0.88 -17.50 10.34
CA MET B 192 -0.26 -17.47 9.45
C MET B 192 -0.15 -18.56 8.44
N VAL B 193 -1.30 -19.12 7.97
CA VAL B 193 -1.21 -20.08 6.89
C VAL B 193 -0.70 -19.45 5.59
N LEU B 194 -0.96 -18.19 5.38
CA LEU B 194 -0.30 -17.42 4.34
C LEU B 194 -0.44 -15.96 4.72
N PRO B 195 0.43 -15.12 4.15
CA PRO B 195 0.37 -13.71 4.44
C PRO B 195 -0.89 -13.13 3.83
N PRO B 196 -1.42 -12.03 4.43
CA PRO B 196 -2.62 -11.40 3.87
C PRO B 196 -2.37 -10.98 2.42
N CYS B 197 -3.38 -11.11 1.59
CA CYS B 197 -3.33 -10.68 0.22
CA CYS B 197 -3.34 -10.70 0.21
C CYS B 197 -3.71 -9.22 0.04
N HIS B 198 -4.81 -8.81 0.65
CA HIS B 198 -5.13 -7.39 0.85
C HIS B 198 -4.40 -6.99 2.10
N THR B 199 -3.28 -6.29 1.96
CA THR B 199 -2.38 -6.08 3.04
C THR B 199 -2.70 -4.90 3.92
N MET B 200 -3.39 -3.91 3.36
CA MET B 200 -3.64 -2.64 4.04
CA MET B 200 -3.80 -2.72 4.14
C MET B 200 -4.81 -1.99 3.31
N CYS B 201 -5.52 -1.07 3.98
CA CYS B 201 -6.32 -0.09 3.34
C CYS B 201 -6.21 1.23 4.07
N GLN B 202 -6.47 2.29 3.34
CA GLN B 202 -6.51 3.67 3.83
C GLN B 202 -7.83 4.24 3.53
N PHE B 203 -8.47 4.93 4.51
CA PHE B 203 -9.74 5.63 4.30
C PHE B 203 -9.45 7.13 4.16
N TYR B 204 -10.38 7.84 3.57
CA TYR B 204 -10.22 9.30 3.21
CA TYR B 204 -10.21 9.27 3.36
CA TYR B 204 -10.23 9.27 3.35
C TYR B 204 -11.60 9.88 3.28
N VAL B 205 -11.77 11.07 3.85
CA VAL B 205 -13.04 11.76 3.91
C VAL B 205 -12.93 13.09 3.24
N ASP B 206 -13.87 13.43 2.41
CA ASP B 206 -14.02 14.80 1.89
CA ASP B 206 -14.03 14.70 1.75
C ASP B 206 -15.51 14.93 1.46
N ASN B 207 -16.00 16.13 1.61
CA ASN B 207 -17.34 16.54 1.27
CA ASN B 207 -17.37 16.41 1.06
C ASN B 207 -18.39 15.47 1.60
N GLY B 208 -18.26 15.06 2.87
CA GLY B 208 -19.24 14.17 3.52
C GLY B 208 -19.19 12.77 3.00
N GLU B 209 -18.18 12.42 2.21
CA GLU B 209 -18.04 11.13 1.57
C GLU B 209 -16.82 10.36 2.03
N LEU B 210 -17.01 9.07 2.22
CA LEU B 210 -15.97 8.14 2.62
C LEU B 210 -15.39 7.37 1.42
N SER B 211 -14.09 7.51 1.21
CA SER B 211 -13.36 6.76 0.19
C SER B 211 -12.38 5.80 0.85
N CYS B 212 -11.94 4.81 0.07
CA CYS B 212 -11.06 3.77 0.55
C CYS B 212 -10.08 3.38 -0.55
N GLN B 213 -8.81 3.17 -0.20
CA GLN B 213 -7.83 2.57 -1.10
C GLN B 213 -7.31 1.33 -0.46
N LEU B 214 -7.39 0.20 -1.16
CA LEU B 214 -6.76 -1.05 -0.70
C LEU B 214 -5.51 -1.34 -1.50
N TYR B 215 -4.59 -2.07 -0.90
CA TYR B 215 -3.41 -2.60 -1.55
C TYR B 215 -3.51 -4.09 -1.55
N GLN B 216 -3.48 -4.69 -2.75
CA GLN B 216 -3.55 -6.14 -2.92
C GLN B 216 -2.23 -6.60 -3.54
N ARG B 217 -1.41 -7.34 -2.80
CA ARG B 217 -0.05 -7.67 -3.21
C ARG B 217 0.02 -8.60 -4.43
N SER B 218 -0.99 -9.41 -4.60
CA SER B 218 -1.09 -10.49 -5.62
CA SER B 218 -1.04 -10.26 -5.76
C SER B 218 -2.47 -10.62 -6.00
N GLY B 219 -2.80 -10.75 -7.24
CA GLY B 219 -4.11 -11.41 -7.46
C GLY B 219 -4.42 -11.71 -8.89
N ASP B 220 -5.19 -12.67 -9.10
CA ASP B 220 -5.69 -13.12 -10.27
C ASP B 220 -6.86 -12.29 -10.71
N MET B 221 -6.75 -11.67 -11.86
CA MET B 221 -7.80 -10.79 -12.39
C MET B 221 -9.06 -11.58 -12.63
N GLY B 222 -9.00 -12.89 -12.71
CA GLY B 222 -10.15 -13.73 -12.96
C GLY B 222 -10.87 -14.17 -11.67
N LEU B 223 -10.32 -13.92 -10.48
CA LEU B 223 -10.87 -14.53 -9.22
C LEU B 223 -10.69 -13.62 -8.04
N GLY B 224 -9.44 -13.59 -7.48
CA GLY B 224 -9.24 -12.85 -6.25
C GLY B 224 -9.36 -11.35 -6.38
N VAL B 225 -9.00 -10.76 -7.52
CA VAL B 225 -9.14 -9.31 -7.69
C VAL B 225 -10.60 -8.92 -7.62
N PRO B 226 -11.51 -9.51 -8.42
CA PRO B 226 -12.91 -9.13 -8.32
C PRO B 226 -13.48 -9.40 -6.94
N PHE B 227 -13.03 -10.47 -6.31
CA PHE B 227 -13.54 -10.83 -4.97
C PHE B 227 -13.20 -9.74 -3.96
N ASN B 228 -11.95 -9.30 -3.94
CA ASN B 228 -11.54 -8.28 -2.99
C ASN B 228 -12.04 -6.88 -3.33
N LEU B 229 -12.26 -6.60 -4.61
CA LEU B 229 -12.93 -5.39 -5.04
C LEU B 229 -14.29 -5.32 -4.35
N ALA B 230 -15.05 -6.40 -4.44
CA ALA B 230 -16.36 -6.45 -3.83
C ALA B 230 -16.27 -6.36 -2.29
N SER B 231 -15.31 -7.05 -1.69
CA SER B 231 -15.25 -7.03 -0.25
CA SER B 231 -15.09 -7.06 -0.22
C SER B 231 -14.98 -5.65 0.27
N TYR B 232 -14.06 -4.88 -0.33
CA TYR B 232 -13.83 -3.52 0.15
C TYR B 232 -14.92 -2.58 -0.27
N GLY B 233 -15.62 -2.84 -1.36
CA GLY B 233 -16.83 -2.07 -1.64
C GLY B 233 -17.83 -2.23 -0.53
N LEU B 234 -18.07 -3.46 -0.11
CA LEU B 234 -19.02 -3.73 0.96
C LEU B 234 -18.54 -3.09 2.25
N LEU B 235 -17.28 -3.27 2.60
CA LEU B 235 -16.74 -2.71 3.85
C LEU B 235 -16.91 -1.20 3.86
N THR B 236 -16.63 -0.53 2.79
CA THR B 236 -16.71 0.92 2.75
C THR B 236 -18.14 1.36 2.94
N HIS B 237 -19.12 0.70 2.31
CA HIS B 237 -20.50 1.02 2.54
C HIS B 237 -20.87 0.75 4.01
N MET B 238 -20.43 -0.31 4.63
CA MET B 238 -20.76 -0.59 6.02
C MET B 238 -20.20 0.48 6.94
N ILE B 239 -18.94 0.82 6.77
CA ILE B 239 -18.32 1.84 7.59
C ILE B 239 -18.98 3.17 7.38
N ALA B 240 -19.35 3.52 6.16
CA ALA B 240 -20.05 4.76 5.92
C ALA B 240 -21.34 4.78 6.71
N LYS B 241 -22.09 3.71 6.74
CA LYS B 241 -23.32 3.68 7.55
C LYS B 241 -23.03 3.89 9.02
N VAL B 242 -22.05 3.22 9.56
CA VAL B 242 -21.69 3.36 10.98
C VAL B 242 -21.31 4.79 11.31
N CYS B 243 -20.65 5.48 10.36
CA CYS B 243 -20.09 6.81 10.60
C CYS B 243 -20.99 7.92 10.16
N GLY B 244 -22.15 7.63 9.61
CA GLY B 244 -23.03 8.65 9.12
C GLY B 244 -22.57 9.42 7.95
N LEU B 245 -21.84 8.79 7.03
CA LEU B 245 -21.33 9.44 5.84
C LEU B 245 -21.89 8.79 4.62
N LYS B 246 -21.76 9.42 3.48
CA LYS B 246 -22.09 8.84 2.15
C LYS B 246 -20.84 8.17 1.60
N PRO B 247 -21.01 7.09 0.85
CA PRO B 247 -19.90 6.45 0.13
CA PRO B 247 -19.88 6.41 0.24
C PRO B 247 -19.36 7.26 -0.97
N GLY B 248 -18.05 7.26 -1.18
CA GLY B 248 -17.36 8.00 -2.22
C GLY B 248 -16.78 7.10 -3.30
N THR B 249 -15.45 6.91 -3.26
CA THR B 249 -14.72 6.16 -4.28
C THR B 249 -13.93 5.05 -3.60
N LEU B 250 -13.84 3.94 -4.31
CA LEU B 250 -12.96 2.83 -3.95
C LEU B 250 -11.79 2.81 -4.94
N VAL B 251 -10.57 2.81 -4.44
CA VAL B 251 -9.33 2.74 -5.18
C VAL B 251 -8.70 1.40 -4.95
N HIS B 252 -8.51 0.62 -6.02
CA HIS B 252 -7.96 -0.72 -5.89
C HIS B 252 -6.56 -0.74 -6.49
N THR B 253 -5.54 -0.85 -5.66
CA THR B 253 -4.14 -0.88 -6.07
C THR B 253 -3.63 -2.29 -6.03
N LEU B 254 -2.93 -2.69 -7.07
CA LEU B 254 -2.35 -4.02 -7.19
C LEU B 254 -0.84 -3.99 -7.23
N GLY B 255 -0.25 -5.03 -6.62
CA GLY B 255 1.13 -5.39 -6.79
C GLY B 255 1.26 -6.26 -8.07
N ASP B 256 1.39 -7.58 -7.87
CA ASP B 256 1.45 -8.52 -9.01
C ASP B 256 0.07 -8.81 -9.51
N ALA B 257 -0.36 -8.09 -10.53
CA ALA B 257 -1.65 -8.25 -11.19
C ALA B 257 -1.43 -9.29 -12.31
N HIS B 258 -2.14 -10.40 -12.28
CA HIS B 258 -1.85 -11.43 -13.21
C HIS B 258 -3.09 -12.18 -13.68
N VAL B 259 -2.90 -12.88 -14.81
CA VAL B 259 -3.84 -13.86 -15.33
C VAL B 259 -3.07 -15.13 -15.61
N TYR B 260 -3.78 -16.23 -15.57
CA TYR B 260 -3.15 -17.49 -15.92
C TYR B 260 -3.13 -17.68 -17.40
N SER B 261 -1.99 -18.11 -17.93
CA SER B 261 -1.85 -18.23 -19.37
C SER B 261 -2.81 -19.31 -20.00
N ASN B 262 -3.19 -20.27 -19.19
CA ASN B 262 -4.11 -21.31 -19.62
CA ASN B 262 -4.08 -21.31 -19.63
C ASN B 262 -5.56 -20.86 -19.72
N HIS B 263 -5.86 -19.61 -19.31
CA HIS B 263 -7.20 -19.04 -19.22
C HIS B 263 -7.43 -17.97 -20.21
N VAL B 264 -6.47 -17.73 -21.09
CA VAL B 264 -6.58 -16.66 -22.00
C VAL B 264 -7.83 -16.75 -22.88
N ASP B 265 -8.21 -17.92 -23.31
CA ASP B 265 -9.46 -18.09 -24.06
C ASP B 265 -10.75 -17.64 -23.32
N ALA B 266 -10.88 -18.07 -22.10
CA ALA B 266 -11.94 -17.65 -21.16
C ALA B 266 -11.90 -16.12 -20.93
N LEU B 267 -10.70 -15.58 -20.84
CA LEU B 267 -10.55 -14.12 -20.63
C LEU B 267 -10.98 -13.38 -21.87
N LYS B 268 -10.64 -13.85 -23.05
CA LYS B 268 -10.98 -13.18 -24.30
C LYS B 268 -12.51 -13.18 -24.44
N ILE B 269 -13.18 -14.24 -24.05
CA ILE B 269 -14.67 -14.27 -23.90
C ILE B 269 -15.14 -13.13 -22.96
N GLN B 270 -14.68 -13.08 -21.74
CA GLN B 270 -15.05 -12.05 -20.79
C GLN B 270 -14.92 -10.67 -21.44
N LEU B 271 -13.76 -10.44 -22.09
CA LEU B 271 -13.39 -9.11 -22.60
CA LEU B 271 -13.43 -9.10 -22.53
C LEU B 271 -14.34 -8.55 -23.62
N ASP B 272 -15.03 -9.44 -24.34
CA ASP B 272 -15.95 -9.03 -25.36
C ASP B 272 -17.33 -8.77 -24.81
N ARG B 273 -17.63 -9.02 -23.54
CA ARG B 273 -18.93 -8.80 -22.99
C ARG B 273 -19.12 -7.36 -22.57
N GLU B 274 -20.34 -6.83 -22.74
CA GLU B 274 -20.67 -5.49 -22.29
C GLU B 274 -21.12 -5.57 -20.85
N PRO B 275 -20.44 -4.83 -19.93
CA PRO B 275 -20.87 -4.87 -18.55
C PRO B 275 -22.31 -4.41 -18.34
N TYR B 276 -22.98 -5.02 -17.38
CA TYR B 276 -24.23 -4.47 -16.88
C TYR B 276 -23.90 -3.35 -15.84
N ALA B 277 -24.87 -2.51 -15.50
CA ALA B 277 -24.75 -1.63 -14.35
C ALA B 277 -24.49 -2.42 -13.13
N PHE B 278 -23.63 -1.95 -12.22
CA PHE B 278 -23.44 -2.62 -10.93
C PHE B 278 -24.69 -2.63 -10.10
N PRO B 279 -24.79 -3.63 -9.21
CA PRO B 279 -25.88 -3.66 -8.24
C PRO B 279 -25.66 -2.60 -7.17
N LYS B 280 -26.72 -2.44 -6.35
CA LYS B 280 -26.73 -1.54 -5.22
CA LYS B 280 -26.74 -1.53 -5.23
C LYS B 280 -26.87 -2.32 -3.95
N ILE B 281 -26.16 -1.87 -2.92
CA ILE B 281 -26.25 -2.44 -1.58
C ILE B 281 -27.29 -1.71 -0.77
N ARG B 282 -28.03 -2.44 0.08
CA ARG B 282 -29.04 -1.88 0.96
C ARG B 282 -28.93 -2.55 2.32
N PHE B 283 -28.88 -1.72 3.39
CA PHE B 283 -28.87 -2.26 4.74
C PHE B 283 -30.25 -2.05 5.30
N THR B 284 -30.87 -3.15 5.77
CA THR B 284 -32.31 -3.16 5.99
C THR B 284 -32.72 -2.91 7.44
N ARG B 285 -31.79 -2.65 8.32
CA ARG B 285 -32.07 -2.12 9.68
C ARG B 285 -30.93 -1.24 10.09
N ASP B 286 -31.16 -0.46 11.11
CA ASP B 286 -30.10 0.28 11.77
C ASP B 286 -29.11 -0.68 12.44
N VAL B 287 -27.86 -0.18 12.57
CA VAL B 287 -26.79 -0.90 13.20
C VAL B 287 -26.24 -0.06 14.42
N ALA B 288 -25.90 -0.73 15.46
CA ALA B 288 -25.34 -0.10 16.63
C ALA B 288 -23.86 0.23 16.50
N SER B 289 -23.15 -0.49 15.64
CA SER B 289 -21.71 -0.38 15.48
C SER B 289 -21.34 -1.30 14.30
N ILE B 290 -20.05 -1.27 13.96
CA ILE B 290 -19.52 -2.18 12.93
C ILE B 290 -19.65 -3.63 13.27
N ASP B 291 -19.85 -3.95 14.55
CA ASP B 291 -19.99 -5.32 15.03
C ASP B 291 -21.45 -5.79 15.01
N ASP B 292 -22.36 -4.95 14.52
CA ASP B 292 -23.77 -5.21 14.63
C ASP B 292 -24.46 -5.51 13.27
N PHE B 293 -23.70 -5.97 12.27
CA PHE B 293 -24.28 -6.41 11.05
C PHE B 293 -24.48 -7.90 11.05
N THR B 294 -25.59 -8.32 10.39
CA THR B 294 -25.88 -9.72 10.19
C THR B 294 -26.28 -9.96 8.72
N SER B 295 -26.07 -11.15 8.22
CA SER B 295 -26.26 -11.44 6.83
C SER B 295 -27.64 -11.19 6.35
N ASP B 296 -28.65 -11.36 7.21
CA ASP B 296 -30.04 -11.21 6.83
C ASP B 296 -30.39 -9.78 6.52
N MET B 297 -29.60 -8.80 6.97
CA MET B 297 -29.93 -7.41 6.77
C MET B 297 -29.04 -6.67 5.75
N ILE B 298 -28.26 -7.47 5.01
CA ILE B 298 -27.49 -6.95 3.91
C ILE B 298 -28.18 -7.43 2.62
N ALA B 299 -28.78 -6.54 1.87
CA ALA B 299 -29.49 -6.84 0.65
C ALA B 299 -28.71 -6.33 -0.55
N LEU B 300 -28.67 -7.11 -1.60
CA LEU B 300 -28.01 -6.75 -2.85
C LEU B 300 -29.09 -6.64 -3.93
N ASP B 301 -29.27 -5.44 -4.46
CA ASP B 301 -30.32 -5.19 -5.42
C ASP B 301 -29.78 -5.13 -6.83
N ASP B 302 -30.50 -5.81 -7.74
CA ASP B 302 -30.30 -5.66 -9.17
C ASP B 302 -28.95 -6.13 -9.63
N TYR B 303 -28.41 -7.19 -9.05
CA TYR B 303 -27.19 -7.81 -9.60
C TYR B 303 -27.56 -8.59 -10.83
N LYS B 304 -27.15 -8.08 -11.97
CA LYS B 304 -27.26 -8.72 -13.26
CA LYS B 304 -27.24 -8.72 -13.27
C LYS B 304 -25.86 -9.14 -13.68
N CYS B 305 -25.74 -10.36 -14.20
CA CYS B 305 -24.48 -10.95 -14.52
C CYS B 305 -24.58 -11.77 -15.82
N HIS B 306 -23.48 -11.85 -16.52
CA HIS B 306 -23.40 -12.71 -17.69
C HIS B 306 -23.31 -14.17 -17.29
N PRO B 307 -23.55 -15.06 -18.26
CA PRO B 307 -23.46 -16.52 -18.01
C PRO B 307 -22.09 -17.00 -17.66
N LYS B 308 -22.00 -18.22 -17.26
CA LYS B 308 -20.76 -18.89 -17.01
C LYS B 308 -19.93 -18.99 -18.24
N ILE B 309 -18.64 -19.01 -17.93
CA ILE B 309 -17.56 -19.07 -18.85
CA ILE B 309 -17.67 -19.21 -18.97
C ILE B 309 -16.93 -20.53 -18.80
N PRO B 310 -17.03 -21.35 -19.83
CA PRO B 310 -16.29 -22.59 -19.81
C PRO B 310 -14.79 -22.49 -19.69
N MET B 311 -14.19 -23.58 -19.24
CA MET B 311 -12.76 -23.90 -19.46
CA MET B 311 -12.72 -23.79 -19.39
C MET B 311 -12.22 -23.38 -20.80
S SO4 C . 0.56 13.76 8.62
O1 SO4 C . 0.58 14.19 7.21
O2 SO4 C . -0.49 12.77 8.79
O3 SO4 C . 1.88 13.02 8.95
O4 SO4 C . 0.40 14.80 9.57
S SO4 D . 0.90 -16.43 -2.01
O1 SO4 D . 1.11 -17.83 -1.51
O2 SO4 D . -0.31 -15.82 -1.38
O3 SO4 D . 1.95 -15.49 -2.04
O4 SO4 D . 0.46 -16.29 -3.40
#